data_3APU
#
_entry.id   3APU
#
_cell.length_a   67.107
_cell.length_b   44.862
_cell.length_c   120.784
_cell.angle_alpha   90.00
_cell.angle_beta   91.88
_cell.angle_gamma   90.00
#
_symmetry.space_group_name_H-M   'C 1 2 1'
#
loop_
_entity.id
_entity.type
_entity.pdbx_description
1 polymer 'Alpha-1-acid glycoprotein 2'
2 non-polymer 'TETRAETHYLENE GLYCOL'
3 water water
#
_entity_poly.entity_id   1
_entity_poly.type   'polypeptide(L)'
_entity_poly.pdbx_seq_one_letter_code
;MQIPLCANLVPVPITNATLDRITGKWFYIASAFRNEEYNKSVQEIQATFFYFTPNKTEDTIFLREYQTRQNQCFYNSSYL
NVQRENGTVSRYEGGREHVAHLLFLRDTKTLMFGSYLDDEKNWGLSFYADKPETTKEQLGEFYEALDCLRIPRSDVMYTD
WKKDKCEPLEKQHEKERKQEEGESHHHHHH
;
_entity_poly.pdbx_strand_id   A,B
#
loop_
_chem_comp.id
_chem_comp.type
_chem_comp.name
_chem_comp.formula
PG4 non-polymer 'TETRAETHYLENE GLYCOL' 'C8 H18 O5'
#
# COMPACT_ATOMS: atom_id res chain seq x y z
N GLN A 2 -40.63 12.13 1.92
CA GLN A 2 -41.04 11.60 0.58
C GLN A 2 -40.19 10.39 0.19
N ILE A 3 -38.87 10.51 0.31
CA ILE A 3 -37.94 9.50 -0.17
C ILE A 3 -37.41 8.67 1.01
N PRO A 4 -37.50 7.33 0.91
CA PRO A 4 -37.15 6.51 2.06
C PRO A 4 -35.70 6.70 2.49
N LEU A 5 -35.49 6.66 3.80
CA LEU A 5 -34.19 6.87 4.41
C LEU A 5 -33.11 6.02 3.73
N CYS A 6 -33.42 4.77 3.47
CA CYS A 6 -32.44 3.81 2.99
C CYS A 6 -32.25 3.85 1.44
N ALA A 7 -32.97 4.70 0.71
CA ALA A 7 -32.94 4.62 -0.75
C ALA A 7 -31.51 4.66 -1.31
N ASN A 8 -30.67 5.55 -0.80
CA ASN A 8 -29.33 5.66 -1.37
C ASN A 8 -28.30 4.75 -0.70
N LEU A 9 -28.75 3.83 0.16
CA LEU A 9 -27.90 2.73 0.62
C LEU A 9 -28.00 1.45 -0.24
N VAL A 10 -28.84 1.48 -1.28
CA VAL A 10 -28.96 0.35 -2.22
C VAL A 10 -27.84 0.35 -3.27
N PRO A 11 -27.12 -0.76 -3.40
CA PRO A 11 -26.10 -0.80 -4.43
C PRO A 11 -26.60 -0.31 -5.82
N VAL A 12 -25.75 0.44 -6.48
CA VAL A 12 -26.09 0.87 -7.82
C VAL A 12 -24.96 0.51 -8.78
N PRO A 13 -25.31 -0.15 -9.89
CA PRO A 13 -24.28 -0.53 -10.87
C PRO A 13 -23.46 0.67 -11.34
N ILE A 14 -22.19 0.44 -11.65
CA ILE A 14 -21.26 1.49 -12.00
C ILE A 14 -21.16 1.54 -13.50
N THR A 15 -21.46 2.71 -14.06
CA THR A 15 -21.37 2.89 -15.51
C THR A 15 -20.12 3.69 -15.86
N ASN A 16 -19.90 3.88 -17.16
CA ASN A 16 -18.97 4.92 -17.59
C ASN A 16 -19.27 6.31 -17.01
N ALA A 17 -20.53 6.73 -16.95
CA ALA A 17 -20.91 8.01 -16.33
C ALA A 17 -20.56 8.04 -14.86
N THR A 18 -20.72 6.90 -14.18
CA THR A 18 -20.44 6.86 -12.75
C THR A 18 -18.95 7.12 -12.58
N LEU A 19 -18.15 6.45 -13.43
CA LEU A 19 -16.68 6.59 -13.39
C LEU A 19 -16.25 8.04 -13.71
N ASP A 20 -16.84 8.63 -14.75
CA ASP A 20 -16.63 10.07 -15.02
C ASP A 20 -16.93 10.97 -13.82
N ARG A 21 -18.08 10.72 -13.20
CA ARG A 21 -18.52 11.45 -12.03
C ARG A 21 -17.53 11.40 -10.83
N ILE A 22 -16.83 10.28 -10.62
CA ILE A 22 -15.87 10.19 -9.48
C ILE A 22 -14.42 10.51 -9.84
N THR A 23 -14.19 10.89 -11.09
CA THR A 23 -12.86 11.25 -11.53
C THR A 23 -12.39 12.53 -10.83
N GLY A 24 -11.16 12.51 -10.32
CA GLY A 24 -10.51 13.73 -9.84
C GLY A 24 -10.15 13.61 -8.37
N LYS A 25 -10.11 14.75 -7.71
CA LYS A 25 -9.58 14.90 -6.37
C LYS A 25 -10.71 14.83 -5.36
N TRP A 26 -10.50 14.02 -4.32
CA TRP A 26 -11.45 13.91 -3.22
C TRP A 26 -10.77 14.07 -1.85
N PHE A 27 -11.56 14.51 -0.88
CA PHE A 27 -11.09 14.64 0.48
C PHE A 27 -11.92 13.70 1.33
N TYR A 28 -11.27 12.94 2.20
CA TYR A 28 -11.94 12.06 3.14
C TYR A 28 -12.45 12.93 4.27
N ILE A 29 -13.76 12.88 4.51
CA ILE A 29 -14.43 13.79 5.45
C ILE A 29 -14.66 13.09 6.77
N ALA A 30 -15.19 11.87 6.74
CA ALA A 30 -15.65 11.22 7.98
C ALA A 30 -16.04 9.75 7.70
N SER A 31 -16.11 8.95 8.75
CA SER A 31 -16.63 7.59 8.63
C SER A 31 -17.17 7.11 9.96
N ALA A 32 -17.93 6.01 9.90
CA ALA A 32 -18.37 5.31 11.13
C ALA A 32 -18.67 3.89 10.73
N PHE A 33 -18.23 2.90 11.52
CA PHE A 33 -18.52 1.50 11.14
C PHE A 33 -18.89 0.76 12.37
N ARG A 34 -19.58 -0.36 12.18
CA ARG A 34 -19.81 -1.26 13.32
C ARG A 34 -18.65 -2.27 13.40
N ASN A 35 -17.92 -2.45 12.30
CA ASN A 35 -16.71 -3.27 12.26
C ASN A 35 -15.56 -2.62 13.03
N GLU A 36 -15.05 -3.33 14.04
CA GLU A 36 -14.04 -2.74 14.92
C GLU A 36 -12.63 -2.57 14.33
N GLU A 37 -12.21 -3.51 13.48
CA GLU A 37 -10.95 -3.42 12.73
C GLU A 37 -10.89 -2.16 11.85
N TYR A 38 -12.00 -1.89 11.16
CA TYR A 38 -12.14 -0.66 10.36
C TYR A 38 -12.08 0.58 11.27
N ASN A 39 -12.82 0.56 12.38
CA ASN A 39 -12.72 1.70 13.33
C ASN A 39 -11.29 1.93 13.81
N LYS A 40 -10.59 0.83 14.11
CA LYS A 40 -9.21 0.89 14.57
C LYS A 40 -8.30 1.54 13.53
N SER A 41 -8.38 1.08 12.29
CA SER A 41 -7.48 1.64 11.28
C SER A 41 -7.82 3.11 11.00
N VAL A 42 -9.11 3.44 11.08
CA VAL A 42 -9.58 4.74 10.66
C VAL A 42 -9.32 5.80 11.75
N GLN A 43 -9.33 5.37 13.01
CA GLN A 43 -9.02 6.21 14.17
C GLN A 43 -7.80 7.07 13.95
N GLU A 44 -6.75 6.46 13.39
CA GLU A 44 -5.43 7.05 13.30
C GLU A 44 -5.29 8.16 12.25
N ILE A 45 -6.27 8.22 11.34
CA ILE A 45 -6.28 9.15 10.21
C ILE A 45 -6.64 10.57 10.65
N GLN A 46 -5.68 11.47 10.45
CA GLN A 46 -5.83 12.88 10.73
C GLN A 46 -6.41 13.61 9.52
N ALA A 47 -5.95 13.21 8.33
CA ALA A 47 -6.44 13.80 7.10
C ALA A 47 -6.11 12.89 5.92
N THR A 48 -6.86 13.03 4.84
CA THR A 48 -6.54 12.32 3.61
C THR A 48 -7.18 12.99 2.44
N PHE A 49 -6.36 13.29 1.43
CA PHE A 49 -6.91 13.56 0.10
C PHE A 49 -6.34 12.57 -0.93
N PHE A 50 -7.03 12.41 -2.06
CA PHE A 50 -6.62 11.44 -3.05
C PHE A 50 -7.19 11.73 -4.45
N TYR A 51 -6.60 11.11 -5.45
CA TYR A 51 -7.02 11.30 -6.84
C TYR A 51 -7.55 10.00 -7.39
N PHE A 52 -8.70 10.05 -8.05
CA PHE A 52 -9.20 8.90 -8.80
C PHE A 52 -8.91 9.16 -10.28
N THR A 53 -8.22 8.24 -10.97
CA THR A 53 -8.11 8.28 -12.47
C THR A 53 -8.55 6.93 -13.00
N PRO A 54 -9.84 6.82 -13.37
CA PRO A 54 -10.38 5.54 -13.87
C PRO A 54 -9.77 5.13 -15.22
N ASN A 55 -9.64 3.82 -15.43
CA ASN A 55 -9.35 3.24 -16.71
C ASN A 55 -10.56 2.42 -17.09
N LYS A 56 -11.46 3.06 -17.84
CA LYS A 56 -12.74 2.49 -18.17
C LYS A 56 -12.60 1.21 -18.97
N THR A 57 -11.54 1.10 -19.75
CA THR A 57 -11.37 -0.09 -20.57
C THR A 57 -10.91 -1.30 -19.76
N GLU A 58 -10.27 -1.05 -18.62
CA GLU A 58 -9.75 -2.12 -17.74
C GLU A 58 -10.56 -2.33 -16.46
N ASP A 59 -11.60 -1.51 -16.26
CA ASP A 59 -12.39 -1.52 -15.02
C ASP A 59 -11.48 -1.44 -13.81
N THR A 60 -10.55 -0.49 -13.83
CA THR A 60 -9.70 -0.23 -12.64
C THR A 60 -9.74 1.26 -12.41
N ILE A 61 -9.37 1.69 -11.20
CA ILE A 61 -9.16 3.12 -10.93
C ILE A 61 -7.78 3.30 -10.33
N PHE A 62 -6.99 4.16 -10.97
CA PHE A 62 -5.70 4.50 -10.39
C PHE A 62 -5.90 5.44 -9.21
N LEU A 63 -5.40 5.05 -8.03
CA LEU A 63 -5.58 5.83 -6.82
C LEU A 63 -4.25 6.42 -6.37
N ARG A 64 -4.20 7.73 -6.19
CA ARG A 64 -3.04 8.39 -5.62
C ARG A 64 -3.51 9.01 -4.32
N GLU A 65 -2.96 8.54 -3.20
CA GLU A 65 -3.51 8.86 -1.90
C GLU A 65 -2.49 9.54 -1.01
N TYR A 66 -2.92 10.63 -0.37
CA TYR A 66 -2.06 11.39 0.54
C TYR A 66 -2.70 11.39 1.94
N GLN A 67 -2.21 10.50 2.81
CA GLN A 67 -2.79 10.29 4.13
C GLN A 67 -1.89 10.83 5.26
N THR A 68 -2.48 11.61 6.16
CA THR A 68 -1.73 12.06 7.34
C THR A 68 -2.09 11.21 8.54
N ARG A 69 -1.06 10.62 9.14
CA ARG A 69 -1.21 9.86 10.39
C ARG A 69 0.00 10.17 11.26
N GLN A 70 -0.19 10.15 12.58
CA GLN A 70 0.88 10.45 13.55
C GLN A 70 1.72 11.63 13.07
N ASN A 71 1.02 12.68 12.62
CA ASN A 71 1.62 13.94 12.14
C ASN A 71 2.63 13.83 11.00
N GLN A 72 2.44 12.86 10.11
CA GLN A 72 3.27 12.80 8.92
C GLN A 72 2.55 12.27 7.69
N CYS A 73 3.07 12.62 6.53
CA CYS A 73 2.48 12.25 5.26
C CYS A 73 2.91 10.87 4.81
N PHE A 74 1.90 10.05 4.47
CA PHE A 74 2.10 8.75 3.86
C PHE A 74 1.44 8.76 2.50
N TYR A 75 2.27 8.67 1.46
CA TYR A 75 1.77 8.62 0.11
C TYR A 75 1.83 7.20 -0.40
N ASN A 76 0.75 6.78 -1.05
CA ASN A 76 0.62 5.47 -1.69
C ASN A 76 -0.14 5.61 -3.01
N SER A 77 0.29 4.92 -4.05
CA SER A 77 -0.58 4.76 -5.23
C SER A 77 -0.80 3.27 -5.48
N SER A 78 -1.88 2.96 -6.18
CA SER A 78 -2.27 1.57 -6.45
C SER A 78 -3.45 1.62 -7.39
N TYR A 79 -3.92 0.44 -7.79
CA TYR A 79 -5.09 0.31 -8.66
C TYR A 79 -6.23 -0.33 -7.86
N LEU A 80 -7.39 0.29 -7.93
CA LEU A 80 -8.62 -0.26 -7.41
C LEU A 80 -9.31 -1.06 -8.52
N ASN A 81 -9.90 -2.22 -8.20
CA ASN A 81 -10.67 -2.92 -9.26
C ASN A 81 -12.12 -2.50 -9.20
N VAL A 82 -12.81 -2.54 -10.33
CA VAL A 82 -14.21 -2.14 -10.35
C VAL A 82 -15.06 -3.37 -10.70
N GLN A 83 -16.09 -3.65 -9.89
CA GLN A 83 -17.06 -4.66 -10.22
C GLN A 83 -18.33 -3.89 -10.58
N ARG A 84 -18.57 -3.77 -11.89
CA ARG A 84 -19.58 -2.85 -12.39
C ARG A 84 -21.00 -3.19 -11.99
N GLU A 85 -21.40 -4.42 -12.23
CA GLU A 85 -22.78 -4.85 -11.96
C GLU A 85 -23.10 -4.82 -10.46
N ASN A 86 -22.15 -5.22 -9.64
CA ASN A 86 -22.33 -5.20 -8.18
C ASN A 86 -22.23 -3.80 -7.57
N GLY A 87 -21.74 -2.85 -8.37
CA GLY A 87 -21.59 -1.49 -7.90
C GLY A 87 -20.56 -1.37 -6.80
N THR A 88 -19.48 -2.14 -6.91
CA THR A 88 -18.40 -2.10 -5.88
C THR A 88 -17.05 -1.78 -6.51
N VAL A 89 -16.14 -1.37 -5.64
CA VAL A 89 -14.76 -1.10 -5.98
C VAL A 89 -13.96 -1.91 -4.96
N SER A 90 -12.78 -2.39 -5.32
CA SER A 90 -12.01 -3.12 -4.34
C SER A 90 -10.57 -2.68 -4.32
N ARG A 91 -9.97 -2.78 -3.14
CA ARG A 91 -8.61 -2.34 -2.86
C ARG A 91 -7.88 -3.48 -2.15
N TYR A 92 -6.66 -3.78 -2.57
CA TYR A 92 -5.86 -4.84 -1.96
C TYR A 92 -4.81 -4.22 -1.03
N GLU A 93 -4.98 -4.43 0.28
CA GLU A 93 -3.99 -4.04 1.29
C GLU A 93 -3.67 -5.27 2.13
N GLY A 94 -2.41 -5.40 2.55
CA GLY A 94 -1.93 -6.61 3.23
C GLY A 94 -2.24 -7.82 2.37
N GLY A 95 -2.69 -8.90 3.00
CA GLY A 95 -3.22 -10.05 2.28
C GLY A 95 -4.72 -10.02 2.28
N ARG A 96 -5.30 -8.91 1.80
CA ARG A 96 -6.73 -8.72 1.91
C ARG A 96 -7.33 -7.81 0.83
N GLU A 97 -8.27 -8.37 0.06
CA GLU A 97 -9.11 -7.60 -0.85
C GLU A 97 -10.30 -6.95 -0.13
N HIS A 98 -10.28 -5.64 0.03
CA HIS A 98 -11.38 -4.94 0.69
C HIS A 98 -12.35 -4.46 -0.37
N VAL A 99 -13.62 -4.78 -0.22
CA VAL A 99 -14.64 -4.42 -1.17
C VAL A 99 -15.55 -3.35 -0.57
N ALA A 100 -15.92 -2.37 -1.38
CA ALA A 100 -16.87 -1.36 -0.87
C ALA A 100 -17.88 -1.00 -1.93
N HIS A 101 -19.09 -0.67 -1.52
CA HIS A 101 -20.11 -0.23 -2.47
C HIS A 101 -19.97 1.26 -2.72
N LEU A 102 -19.94 1.67 -3.99
CA LEU A 102 -19.89 3.09 -4.33
C LEU A 102 -21.32 3.63 -4.20
N LEU A 103 -21.51 4.61 -3.31
CA LEU A 103 -22.85 5.14 -3.09
C LEU A 103 -22.89 6.66 -3.22
N PHE A 104 -24.05 7.18 -3.55
CA PHE A 104 -24.20 8.62 -3.78
C PHE A 104 -25.22 9.29 -2.89
N LEU A 105 -25.02 10.59 -2.66
CA LEU A 105 -25.95 11.43 -1.93
C LEU A 105 -26.57 12.41 -2.93
N ARG A 106 -27.54 13.22 -2.50
CA ARG A 106 -28.18 14.14 -3.45
C ARG A 106 -27.15 15.09 -4.02
N ASP A 107 -26.25 15.54 -3.16
CA ASP A 107 -25.20 16.45 -3.58
C ASP A 107 -24.18 15.74 -4.48
N THR A 108 -23.97 16.32 -5.65
CA THR A 108 -23.06 15.77 -6.63
C THR A 108 -21.57 15.89 -6.28
N LYS A 109 -21.25 16.72 -5.29
CA LYS A 109 -19.87 17.03 -4.90
C LYS A 109 -19.41 16.12 -3.77
N THR A 110 -20.20 15.09 -3.49
CA THR A 110 -19.87 14.13 -2.44
C THR A 110 -20.04 12.70 -2.95
N LEU A 111 -19.44 11.76 -2.22
CA LEU A 111 -19.71 10.35 -2.40
C LEU A 111 -19.43 9.58 -1.15
N MET A 112 -19.99 8.37 -1.07
CA MET A 112 -19.76 7.50 0.08
C MET A 112 -19.26 6.17 -0.39
N PHE A 113 -18.50 5.47 0.45
CA PHE A 113 -18.26 4.04 0.25
C PHE A 113 -18.89 3.31 1.44
N GLY A 114 -19.65 2.27 1.13
CA GLY A 114 -20.28 1.43 2.11
C GLY A 114 -19.49 0.15 2.24
N SER A 115 -19.25 -0.27 3.48
CA SER A 115 -18.49 -1.49 3.76
C SER A 115 -19.37 -2.42 4.55
N TYR A 116 -19.20 -3.72 4.33
CA TYR A 116 -19.97 -4.77 5.02
C TYR A 116 -21.46 -4.47 5.10
N LEU A 117 -21.97 -3.85 4.05
CA LEU A 117 -23.34 -3.39 3.99
C LEU A 117 -24.40 -4.45 4.13
N ASP A 118 -24.02 -5.71 3.88
CA ASP A 118 -24.95 -6.82 4.02
C ASP A 118 -24.99 -7.35 5.46
N ASP A 119 -24.21 -6.76 6.37
CA ASP A 119 -24.00 -7.33 7.71
C ASP A 119 -24.23 -6.30 8.83
N GLU A 120 -25.38 -6.39 9.48
CA GLU A 120 -25.74 -5.47 10.54
C GLU A 120 -24.77 -5.42 11.74
N LYS A 121 -23.90 -6.43 11.87
CA LYS A 121 -22.88 -6.42 12.92
C LYS A 121 -21.62 -5.66 12.51
N ASN A 122 -21.50 -5.39 11.21
CA ASN A 122 -20.25 -4.92 10.66
C ASN A 122 -20.31 -3.68 9.78
N TRP A 123 -21.50 -3.29 9.34
CA TRP A 123 -21.67 -2.30 8.30
C TRP A 123 -21.20 -0.90 8.70
N GLY A 124 -20.89 -0.08 7.71
CA GLY A 124 -20.41 1.26 8.00
C GLY A 124 -20.23 2.03 6.72
N LEU A 125 -19.92 3.31 6.86
CA LEU A 125 -19.86 4.21 5.71
C LEU A 125 -18.74 5.18 5.85
N SER A 126 -18.14 5.54 4.72
CA SER A 126 -17.15 6.61 4.75
C SER A 126 -17.58 7.69 3.74
N PHE A 127 -17.23 8.94 4.03
CA PHE A 127 -17.85 10.08 3.39
C PHE A 127 -16.71 10.94 2.83
N TYR A 128 -16.89 11.40 1.59
CA TYR A 128 -15.86 12.13 0.85
C TYR A 128 -16.51 13.30 0.19
N ALA A 129 -15.75 14.39 0.00
CA ALA A 129 -16.22 15.59 -0.72
C ALA A 129 -15.15 16.20 -1.62
N ASP A 130 -15.54 17.07 -2.54
CA ASP A 130 -14.57 17.72 -3.41
C ASP A 130 -13.82 18.87 -2.70
N LYS A 131 -14.17 19.10 -1.43
CA LYS A 131 -13.53 20.08 -0.56
C LYS A 131 -13.24 19.43 0.80
N PRO A 132 -12.18 19.90 1.49
CA PRO A 132 -11.87 19.35 2.81
C PRO A 132 -12.90 19.71 3.87
N GLU A 133 -13.72 20.71 3.59
CA GLU A 133 -14.78 21.16 4.51
C GLU A 133 -16.12 20.90 3.84
N THR A 134 -17.06 20.32 4.55
CA THR A 134 -18.40 20.16 3.97
C THR A 134 -19.38 21.24 4.43
N THR A 135 -20.41 21.43 3.62
CA THR A 135 -21.50 22.27 4.01
C THR A 135 -22.37 21.47 4.97
N LYS A 136 -23.26 22.15 5.67
CA LYS A 136 -24.17 21.50 6.61
C LYS A 136 -25.21 20.63 5.90
N GLU A 137 -25.61 21.03 4.69
CA GLU A 137 -26.45 20.17 3.83
C GLU A 137 -25.77 18.85 3.47
N GLN A 138 -24.48 18.87 3.12
CA GLN A 138 -23.79 17.63 2.74
C GLN A 138 -23.63 16.73 3.93
N LEU A 139 -23.28 17.32 5.08
CA LEU A 139 -23.12 16.58 6.31
C LEU A 139 -24.43 15.90 6.79
N GLY A 140 -25.55 16.62 6.68
CA GLY A 140 -26.87 16.08 6.95
C GLY A 140 -27.19 14.88 6.05
N GLU A 141 -26.79 14.90 4.79
CA GLU A 141 -27.03 13.76 3.86
C GLU A 141 -26.32 12.49 4.36
N PHE A 142 -25.06 12.64 4.73
CA PHE A 142 -24.31 11.57 5.35
C PHE A 142 -24.94 11.05 6.66
N TYR A 143 -25.35 11.96 7.53
CA TYR A 143 -26.03 11.58 8.80
C TYR A 143 -27.30 10.77 8.51
N GLU A 144 -28.05 11.15 7.47
CA GLU A 144 -29.27 10.42 7.09
C GLU A 144 -28.92 9.00 6.64
N ALA A 145 -27.83 8.86 5.88
CA ALA A 145 -27.36 7.54 5.45
C ALA A 145 -26.98 6.71 6.70
N LEU A 146 -26.30 7.36 7.65
CA LEU A 146 -26.00 6.69 8.93
C LEU A 146 -27.27 6.35 9.70
N ASP A 147 -28.17 7.31 9.82
CA ASP A 147 -29.50 7.06 10.39
C ASP A 147 -30.09 5.72 9.83
N CYS A 148 -30.03 5.49 8.51
CA CYS A 148 -30.55 4.21 7.89
C CYS A 148 -29.85 2.96 8.40
N LEU A 149 -28.58 3.06 8.74
CA LEU A 149 -27.83 1.93 9.24
C LEU A 149 -27.90 1.86 10.77
N ARG A 150 -28.67 2.77 11.37
CA ARG A 150 -28.81 2.90 12.82
C ARG A 150 -27.45 3.07 13.50
N ILE A 151 -26.57 3.80 12.86
CA ILE A 151 -25.32 4.18 13.47
C ILE A 151 -25.50 5.59 14.04
N PRO A 152 -25.32 5.75 15.36
CA PRO A 152 -25.52 7.08 15.96
C PRO A 152 -24.57 8.13 15.37
N ARG A 153 -25.06 9.35 15.19
CA ARG A 153 -24.20 10.43 14.67
C ARG A 153 -22.96 10.65 15.57
N SER A 154 -23.09 10.32 16.86
CA SER A 154 -21.96 10.44 17.79
C SER A 154 -20.80 9.45 17.53
N ASP A 155 -21.01 8.42 16.72
CA ASP A 155 -19.93 7.47 16.42
C ASP A 155 -19.03 7.91 15.29
N VAL A 156 -19.35 9.04 14.68
CA VAL A 156 -18.65 9.43 13.47
C VAL A 156 -17.23 9.87 13.83
N MET A 157 -16.26 9.48 13.00
CA MET A 157 -14.89 9.93 13.21
C MET A 157 -14.59 10.84 12.06
N TYR A 158 -14.09 12.03 12.37
CA TYR A 158 -13.89 13.04 11.36
C TYR A 158 -12.41 13.28 11.14
N THR A 159 -12.04 13.65 9.92
CA THR A 159 -10.73 14.24 9.68
C THR A 159 -10.73 15.71 10.16
N ASP A 160 -9.53 16.25 10.33
CA ASP A 160 -9.31 17.64 10.66
C ASP A 160 -8.32 18.22 9.62
N TRP A 161 -8.84 18.99 8.65
CA TRP A 161 -7.99 19.58 7.60
C TRP A 161 -6.78 20.40 8.10
N LYS A 162 -6.89 21.02 9.27
CA LYS A 162 -5.76 21.76 9.90
C LYS A 162 -4.54 20.86 10.03
N LYS A 163 -4.79 19.55 10.11
CA LYS A 163 -3.73 18.59 10.45
C LYS A 163 -2.97 18.03 9.26
N ASP A 164 -3.40 18.40 8.05
CA ASP A 164 -2.82 17.86 6.82
C ASP A 164 -1.31 18.04 6.76
N LYS A 165 -0.56 16.98 6.49
CA LYS A 165 0.88 17.13 6.32
C LYS A 165 1.31 16.85 4.89
N CYS A 166 0.34 16.64 4.01
CA CYS A 166 0.59 16.13 2.66
C CYS A 166 0.61 17.18 1.53
N GLU A 167 0.17 18.41 1.83
CA GLU A 167 0.24 19.50 0.86
C GLU A 167 1.63 19.67 0.20
N PRO A 168 2.70 19.71 1.02
CA PRO A 168 4.04 19.81 0.44
C PRO A 168 4.44 18.67 -0.50
N LEU A 169 4.14 17.42 -0.13
CA LEU A 169 4.50 16.31 -1.00
C LEU A 169 3.72 16.34 -2.33
N GLU A 170 2.45 16.75 -2.25
CA GLU A 170 1.59 16.84 -3.41
C GLU A 170 2.12 17.84 -4.44
N LYS A 171 2.61 18.97 -3.92
CA LYS A 171 3.16 20.00 -4.77
C LYS A 171 4.51 19.55 -5.32
N GLN A 172 5.25 18.73 -4.55
CA GLN A 172 6.54 18.22 -5.03
C GLN A 172 6.38 17.08 -6.04
N HIS A 173 5.16 16.54 -6.14
CA HIS A 173 4.76 15.62 -7.22
C HIS A 173 4.28 16.38 -8.47
N GLU A 174 3.46 17.41 -8.25
CA GLU A 174 2.92 18.27 -9.32
C GLU A 174 3.98 18.87 -10.23
N LYS A 175 5.05 19.39 -9.63
CA LYS A 175 6.20 19.93 -10.37
C LYS A 175 6.88 18.87 -11.23
N GLU A 176 6.85 17.63 -10.76
CA GLU A 176 7.30 16.48 -11.55
C GLU A 176 6.23 16.05 -12.56
N ILE B 3 37.59 -14.83 5.75
CA ILE B 3 36.37 -14.00 5.99
C ILE B 3 35.26 -14.83 6.65
N PRO B 4 34.90 -14.51 7.90
CA PRO B 4 33.89 -15.30 8.62
C PRO B 4 32.51 -15.12 7.98
N LEU B 5 31.59 -16.04 8.27
CA LEU B 5 30.29 -16.13 7.59
C LEU B 5 29.38 -14.95 7.85
N CYS B 6 29.56 -14.33 9.01
CA CYS B 6 28.66 -13.26 9.43
C CYS B 6 29.10 -11.87 8.97
N ALA B 7 30.16 -11.82 8.17
CA ALA B 7 30.72 -10.56 7.67
C ALA B 7 29.66 -9.70 6.99
N ASN B 8 28.95 -10.27 6.01
CA ASN B 8 27.94 -9.53 5.26
C ASN B 8 26.67 -9.23 6.04
N LEU B 9 26.56 -9.76 7.26
CA LEU B 9 25.37 -9.57 8.07
C LEU B 9 25.42 -8.37 9.01
N VAL B 10 26.55 -7.67 8.99
CA VAL B 10 26.74 -6.45 9.76
C VAL B 10 26.15 -5.28 8.99
N PRO B 11 25.23 -4.52 9.61
CA PRO B 11 24.66 -3.31 9.00
C PRO B 11 25.73 -2.42 8.34
N VAL B 12 25.37 -1.82 7.21
CA VAL B 12 26.25 -0.91 6.49
C VAL B 12 25.60 0.46 6.47
N PRO B 13 26.32 1.49 6.93
CA PRO B 13 25.78 2.85 6.89
C PRO B 13 25.28 3.21 5.50
N ILE B 14 24.17 3.93 5.43
CA ILE B 14 23.63 4.37 4.15
C ILE B 14 24.13 5.77 3.83
N THR B 15 25.15 5.81 2.97
CA THR B 15 25.70 7.04 2.47
C THR B 15 25.02 7.28 1.13
N ASN B 16 25.41 8.35 0.45
CA ASN B 16 24.81 8.69 -0.84
C ASN B 16 25.27 7.80 -2.00
N ALA B 17 26.52 7.32 -1.96
CA ALA B 17 26.98 6.28 -2.87
C ALA B 17 26.10 5.00 -2.74
N THR B 18 25.87 4.58 -1.51
CA THR B 18 24.98 3.46 -1.23
C THR B 18 23.63 3.68 -1.92
N LEU B 19 23.08 4.89 -1.77
CA LEU B 19 21.78 5.18 -2.37
C LEU B 19 21.88 5.13 -3.90
N ASP B 20 23.00 5.62 -4.45
CA ASP B 20 23.29 5.53 -5.89
C ASP B 20 23.40 4.06 -6.32
N ARG B 21 24.12 3.26 -5.55
CA ARG B 21 24.32 1.84 -5.86
C ARG B 21 22.99 1.07 -5.94
N ILE B 22 22.05 1.41 -5.06
CA ILE B 22 20.76 0.72 -5.05
C ILE B 22 19.68 1.34 -5.97
N THR B 23 20.03 2.46 -6.62
CA THR B 23 19.10 3.15 -7.53
C THR B 23 18.86 2.32 -8.78
N GLY B 24 17.58 2.11 -9.11
CA GLY B 24 17.22 1.39 -10.34
C GLY B 24 16.30 0.20 -10.12
N LYS B 25 16.32 -0.71 -11.09
CA LYS B 25 15.39 -1.83 -11.18
C LYS B 25 15.95 -3.07 -10.49
N TRP B 26 15.16 -3.65 -9.59
CA TRP B 26 15.56 -4.88 -8.90
C TRP B 26 14.52 -5.95 -9.04
N PHE B 27 14.95 -7.21 -8.99
CA PHE B 27 14.05 -8.34 -9.00
C PHE B 27 14.18 -9.11 -7.68
N TYR B 28 13.05 -9.42 -7.06
CA TYR B 28 13.05 -10.22 -5.86
C TYR B 28 13.28 -11.71 -6.20
N ILE B 29 14.23 -12.36 -5.52
CA ILE B 29 14.65 -13.73 -5.89
C ILE B 29 14.24 -14.76 -4.86
N ALA B 30 14.43 -14.43 -3.59
CA ALA B 30 14.22 -15.44 -2.57
C ALA B 30 14.27 -14.82 -1.17
N SER B 31 13.65 -15.51 -0.20
CA SER B 31 13.70 -15.10 1.19
C SER B 31 13.53 -16.30 2.10
N ALA B 32 13.97 -16.13 3.35
CA ALA B 32 13.67 -17.10 4.39
C ALA B 32 13.72 -16.33 5.69
N PHE B 33 12.77 -16.61 6.59
CA PHE B 33 12.73 -15.92 7.87
C PHE B 33 12.43 -16.91 8.96
N ARG B 34 12.97 -16.69 10.15
CA ARG B 34 12.53 -17.47 11.29
C ARG B 34 11.19 -16.94 11.80
N ASN B 35 10.87 -15.71 11.43
CA ASN B 35 9.57 -15.10 11.71
C ASN B 35 8.48 -15.61 10.79
N GLU B 36 7.49 -16.28 11.37
CA GLU B 36 6.49 -17.02 10.59
C GLU B 36 5.45 -16.15 9.88
N GLU B 37 5.08 -15.01 10.47
CA GLU B 37 4.18 -14.06 9.81
C GLU B 37 4.78 -13.52 8.48
N TYR B 38 6.07 -13.19 8.51
CA TYR B 38 6.80 -12.81 7.30
C TYR B 38 6.78 -13.94 6.27
N ASN B 39 7.12 -15.17 6.70
CA ASN B 39 7.04 -16.35 5.83
C ASN B 39 5.69 -16.46 5.15
N LYS B 40 4.64 -16.40 5.97
CA LYS B 40 3.26 -16.52 5.52
C LYS B 40 2.92 -15.51 4.42
N SER B 41 3.11 -14.22 4.66
CA SER B 41 2.75 -13.23 3.64
C SER B 41 3.62 -13.32 2.37
N VAL B 42 4.86 -13.73 2.53
CA VAL B 42 5.79 -13.82 1.41
C VAL B 42 5.53 -15.03 0.51
N GLN B 43 4.95 -16.09 1.08
CA GLN B 43 4.74 -17.33 0.35
C GLN B 43 3.95 -17.24 -0.95
N GLU B 44 3.02 -16.28 -1.03
CA GLU B 44 2.15 -16.21 -2.21
C GLU B 44 2.70 -15.32 -3.34
N ILE B 45 3.83 -14.66 -3.07
CA ILE B 45 4.55 -13.89 -4.08
C ILE B 45 5.12 -14.84 -5.16
N GLN B 46 4.58 -14.74 -6.37
CA GLN B 46 5.09 -15.52 -7.50
C GLN B 46 6.28 -14.83 -8.13
N ALA B 47 6.23 -13.50 -8.24
CA ALA B 47 7.33 -12.68 -8.75
C ALA B 47 7.19 -11.23 -8.26
N THR B 48 8.30 -10.50 -8.25
CA THR B 48 8.27 -9.06 -7.96
C THR B 48 9.49 -8.40 -8.56
N PHE B 49 9.25 -7.35 -9.33
CA PHE B 49 10.29 -6.39 -9.68
C PHE B 49 9.86 -5.01 -9.19
N PHE B 50 10.82 -4.14 -8.93
CA PHE B 50 10.53 -2.79 -8.43
C PHE B 50 11.61 -1.78 -8.77
N TYR B 51 11.29 -0.50 -8.63
CA TYR B 51 12.26 0.58 -8.83
C TYR B 51 12.53 1.32 -7.54
N PHE B 52 13.80 1.63 -7.32
CA PHE B 52 14.23 2.44 -6.19
C PHE B 52 14.72 3.79 -6.69
N THR B 53 14.05 4.87 -6.30
CA THR B 53 14.52 6.23 -6.63
C THR B 53 14.74 7.01 -5.34
N PRO B 54 15.97 6.99 -4.83
CA PRO B 54 16.30 7.75 -3.63
C PRO B 54 15.95 9.23 -3.75
N ASN B 55 15.48 9.81 -2.65
CA ASN B 55 15.54 11.24 -2.42
C ASN B 55 16.55 11.50 -1.31
N LYS B 56 17.78 11.75 -1.72
CA LYS B 56 18.90 11.99 -0.80
C LYS B 56 18.63 13.09 0.23
N THR B 57 18.18 14.25 -0.23
CA THR B 57 17.74 15.34 0.65
C THR B 57 16.78 14.83 1.77
N GLU B 58 15.68 14.20 1.37
CA GLU B 58 14.63 13.81 2.32
C GLU B 58 14.86 12.55 3.18
N ASP B 59 15.91 11.77 2.89
CA ASP B 59 16.13 10.47 3.53
C ASP B 59 14.96 9.49 3.25
N THR B 60 14.50 9.50 2.00
CA THR B 60 13.45 8.58 1.54
C THR B 60 13.85 7.89 0.24
N ILE B 61 13.19 6.78 -0.07
CA ILE B 61 13.33 6.15 -1.36
C ILE B 61 11.93 5.91 -1.89
N PHE B 62 11.64 6.48 -3.04
CA PHE B 62 10.42 6.21 -3.74
C PHE B 62 10.53 4.80 -4.33
N LEU B 63 9.49 4.01 -4.08
CA LEU B 63 9.44 2.62 -4.48
C LEU B 63 8.24 2.38 -5.38
N ARG B 64 8.50 1.85 -6.57
CA ARG B 64 7.47 1.49 -7.51
C ARG B 64 7.53 -0.02 -7.64
N GLU B 65 6.48 -0.69 -7.18
CA GLU B 65 6.55 -2.12 -7.04
C GLU B 65 5.54 -2.82 -7.93
N TYR B 66 6.06 -3.81 -8.64
CA TYR B 66 5.26 -4.66 -9.54
C TYR B 66 5.33 -6.10 -9.02
N GLN B 67 4.31 -6.48 -8.24
CA GLN B 67 4.25 -7.77 -7.60
C GLN B 67 3.21 -8.64 -8.26
N THR B 68 3.56 -9.90 -8.52
CA THR B 68 2.59 -10.85 -9.07
C THR B 68 2.20 -11.84 -8.00
N ARG B 69 0.90 -11.93 -7.74
CA ARG B 69 0.33 -12.92 -6.83
C ARG B 69 -0.92 -13.45 -7.48
N GLN B 70 -1.20 -14.74 -7.29
CA GLN B 70 -2.41 -15.35 -7.84
C GLN B 70 -2.61 -14.98 -9.31
N ASN B 71 -1.52 -15.11 -10.07
CA ASN B 71 -1.52 -14.91 -11.51
C ASN B 71 -1.99 -13.53 -11.99
N GLN B 72 -1.77 -12.49 -11.18
CA GLN B 72 -2.09 -11.14 -11.61
C GLN B 72 -1.17 -10.08 -11.01
N CYS B 73 -1.16 -8.91 -11.63
CA CYS B 73 -0.27 -7.84 -11.21
C CYS B 73 -0.85 -6.95 -10.14
N PHE B 74 -0.08 -6.71 -9.09
CA PHE B 74 -0.43 -5.68 -8.14
C PHE B 74 0.65 -4.62 -8.13
N TYR B 75 0.29 -3.41 -8.53
CA TYR B 75 1.24 -2.30 -8.53
C TYR B 75 1.03 -1.40 -7.33
N ASN B 76 2.13 -1.02 -6.67
CA ASN B 76 2.11 -0.07 -5.56
C ASN B 76 3.30 0.85 -5.60
N SER B 77 3.07 2.14 -5.36
CA SER B 77 4.18 3.05 -5.09
C SER B 77 4.02 3.66 -3.71
N SER B 78 5.15 3.92 -3.07
CA SER B 78 5.19 4.47 -1.73
C SER B 78 6.60 4.97 -1.51
N TYR B 79 6.81 5.53 -0.33
CA TYR B 79 8.14 5.93 0.11
C TYR B 79 8.61 5.09 1.28
N LEU B 80 9.85 4.65 1.20
CA LEU B 80 10.53 4.04 2.31
C LEU B 80 11.26 5.13 3.07
N ASN B 81 11.25 5.05 4.40
CA ASN B 81 12.09 5.97 5.18
C ASN B 81 13.50 5.40 5.38
N VAL B 82 14.50 6.27 5.33
CA VAL B 82 15.89 5.85 5.38
C VAL B 82 16.46 6.32 6.71
N GLN B 83 17.04 5.39 7.44
CA GLN B 83 17.69 5.71 8.70
C GLN B 83 19.18 5.46 8.44
N ARG B 84 19.87 6.52 8.00
CA ARG B 84 21.21 6.43 7.41
C ARG B 84 22.23 5.73 8.30
N GLU B 85 22.23 6.10 9.59
CA GLU B 85 23.22 5.66 10.59
C GLU B 85 23.12 4.16 10.88
N ASN B 86 21.88 3.67 11.03
CA ASN B 86 21.60 2.27 11.35
C ASN B 86 21.68 1.41 10.11
N GLY B 87 21.72 2.05 8.95
CA GLY B 87 21.68 1.37 7.68
C GLY B 87 20.37 0.65 7.48
N THR B 88 19.29 1.16 8.08
CA THR B 88 17.96 0.58 7.87
C THR B 88 17.08 1.41 6.93
N VAL B 89 16.12 0.70 6.37
CA VAL B 89 15.07 1.26 5.55
C VAL B 89 13.75 0.85 6.22
N SER B 90 12.73 1.68 6.12
CA SER B 90 11.47 1.34 6.75
C SER B 90 10.31 1.51 5.78
N ARG B 91 9.36 0.58 5.86
CA ARG B 91 8.16 0.56 5.01
C ARG B 91 6.91 0.49 5.90
N TYR B 92 5.86 1.19 5.51
CA TYR B 92 4.57 1.09 6.20
C TYR B 92 3.55 0.29 5.38
N GLU B 93 3.07 -0.80 5.95
CA GLU B 93 2.06 -1.69 5.33
C GLU B 93 0.95 -2.03 6.34
N GLY B 94 -0.31 -1.88 5.89
CA GLY B 94 -1.46 -1.99 6.79
C GLY B 94 -1.32 -1.09 8.02
N GLY B 95 -1.05 0.19 7.77
CA GLY B 95 -0.82 1.19 8.84
C GLY B 95 0.38 0.95 9.76
N ARG B 96 1.12 -0.13 9.50
CA ARG B 96 2.17 -0.62 10.42
C ARG B 96 3.58 -0.57 9.82
N GLU B 97 4.57 -0.33 10.69
CA GLU B 97 5.96 -0.09 10.27
C GLU B 97 6.86 -1.34 10.27
N HIS B 98 7.56 -1.55 9.15
CA HIS B 98 8.50 -2.67 9.01
C HIS B 98 9.89 -2.10 8.75
N VAL B 99 10.84 -2.43 9.64
CA VAL B 99 12.25 -2.02 9.50
C VAL B 99 13.13 -3.15 8.92
N ALA B 100 14.04 -2.80 8.01
CA ALA B 100 15.02 -3.77 7.49
C ALA B 100 16.39 -3.14 7.28
N HIS B 101 17.45 -3.89 7.56
CA HIS B 101 18.81 -3.46 7.27
C HIS B 101 19.18 -3.77 5.82
N LEU B 102 19.72 -2.79 5.10
CA LEU B 102 20.26 -3.05 3.78
C LEU B 102 21.58 -3.78 3.92
N LEU B 103 21.71 -4.94 3.29
CA LEU B 103 22.99 -5.66 3.30
C LEU B 103 23.51 -5.94 1.91
N PHE B 104 24.84 -5.94 1.79
CA PHE B 104 25.45 -6.25 0.50
C PHE B 104 26.19 -7.57 0.49
N LEU B 105 26.38 -8.10 -0.70
CA LEU B 105 27.14 -9.33 -0.92
C LEU B 105 28.38 -8.96 -1.73
N ARG B 106 29.22 -9.93 -2.06
CA ARG B 106 30.39 -9.65 -2.88
C ARG B 106 30.00 -9.05 -4.23
N ASP B 107 29.04 -9.70 -4.90
CA ASP B 107 28.52 -9.26 -6.19
C ASP B 107 27.85 -7.90 -6.06
N THR B 108 27.99 -7.07 -7.09
CA THR B 108 27.40 -5.72 -7.10
C THR B 108 26.00 -5.74 -7.69
N LYS B 109 25.69 -6.78 -8.45
CA LYS B 109 24.40 -6.90 -9.11
C LYS B 109 23.33 -7.56 -8.21
N THR B 110 23.66 -7.75 -6.93
CA THR B 110 22.71 -8.27 -5.93
C THR B 110 22.64 -7.40 -4.68
N LEU B 111 21.59 -7.63 -3.89
CA LEU B 111 21.45 -7.01 -2.58
C LEU B 111 20.54 -7.85 -1.68
N MET B 112 20.65 -7.62 -0.38
CA MET B 112 19.81 -8.28 0.60
C MET B 112 19.16 -7.27 1.50
N PHE B 113 17.98 -7.62 2.01
CA PHE B 113 17.40 -6.92 3.15
C PHE B 113 17.29 -7.85 4.37
N GLY B 114 17.75 -7.37 5.53
CA GLY B 114 17.74 -8.19 6.75
C GLY B 114 16.66 -7.72 7.72
N SER B 115 15.86 -8.67 8.19
CA SER B 115 14.73 -8.39 9.08
C SER B 115 14.97 -8.99 10.45
N TYR B 116 14.50 -8.34 11.51
CA TYR B 116 14.66 -8.82 12.90
C TYR B 116 16.06 -9.36 13.23
N LEU B 117 17.08 -8.67 12.74
CA LEU B 117 18.47 -9.15 12.82
C LEU B 117 19.05 -9.42 14.21
N ASP B 118 18.59 -8.66 15.21
CA ASP B 118 19.07 -8.81 16.58
C ASP B 118 18.29 -9.90 17.32
N ASP B 119 17.15 -10.29 16.74
CA ASP B 119 16.23 -11.27 17.33
C ASP B 119 16.46 -12.67 16.75
N GLU B 120 17.07 -13.51 17.56
CA GLU B 120 17.48 -14.87 17.21
C GLU B 120 16.30 -15.76 16.78
N LYS B 121 15.13 -15.46 17.34
CA LYS B 121 13.91 -16.24 17.12
C LYS B 121 13.16 -15.85 15.84
N ASN B 122 13.46 -14.66 15.31
CA ASN B 122 12.70 -14.10 14.17
C ASN B 122 13.50 -13.65 12.94
N TRP B 123 14.84 -13.69 13.02
CA TRP B 123 15.67 -13.13 11.94
C TRP B 123 15.48 -13.78 10.57
N GLY B 124 15.73 -13.00 9.53
CA GLY B 124 15.66 -13.52 8.18
C GLY B 124 16.20 -12.60 7.12
N LEU B 125 16.27 -13.12 5.90
CA LEU B 125 16.86 -12.38 4.79
C LEU B 125 16.04 -12.48 3.52
N SER B 126 16.12 -11.39 2.76
CA SER B 126 15.36 -11.18 1.56
C SER B 126 16.43 -10.86 0.50
N PHE B 127 16.35 -11.52 -0.65
CA PHE B 127 17.44 -11.54 -1.67
C PHE B 127 16.98 -11.01 -3.02
N TYR B 128 17.76 -10.11 -3.62
CA TYR B 128 17.38 -9.37 -4.84
C TYR B 128 18.55 -9.32 -5.81
N ALA B 129 18.23 -9.19 -7.10
CA ALA B 129 19.23 -9.17 -8.16
C ALA B 129 18.71 -8.31 -9.29
N ASP B 130 19.60 -7.88 -10.19
CA ASP B 130 19.23 -7.00 -11.29
C ASP B 130 18.59 -7.75 -12.45
N LYS B 131 18.64 -9.07 -12.36
CA LYS B 131 18.00 -9.93 -13.35
C LYS B 131 17.03 -10.87 -12.64
N PRO B 132 16.02 -11.38 -13.37
CA PRO B 132 15.00 -12.22 -12.73
C PRO B 132 15.53 -13.58 -12.22
N GLU B 133 16.54 -14.11 -12.91
CA GLU B 133 17.24 -15.32 -12.48
C GLU B 133 18.68 -14.96 -12.07
N THR B 134 19.25 -15.69 -11.10
CA THR B 134 20.62 -15.42 -10.65
C THR B 134 21.55 -16.57 -11.00
N THR B 135 22.85 -16.31 -10.96
CA THR B 135 23.85 -17.33 -11.18
C THR B 135 24.06 -18.19 -9.93
N LYS B 136 24.61 -19.39 -10.14
CA LYS B 136 24.99 -20.32 -9.07
C LYS B 136 25.85 -19.63 -8.03
N GLU B 137 26.70 -18.72 -8.51
CA GLU B 137 27.58 -17.90 -7.69
C GLU B 137 26.79 -16.95 -6.77
N GLN B 138 25.88 -16.18 -7.37
CA GLN B 138 25.09 -15.20 -6.65
C GLN B 138 24.26 -15.92 -5.60
N LEU B 139 23.60 -17.00 -6.01
CA LEU B 139 22.80 -17.83 -5.10
C LEU B 139 23.68 -18.31 -3.94
N GLY B 140 24.89 -18.79 -4.26
CA GLY B 140 25.88 -19.16 -3.25
C GLY B 140 26.10 -18.15 -2.15
N GLU B 141 26.25 -16.88 -2.54
CA GLU B 141 26.44 -15.78 -1.61
C GLU B 141 25.26 -15.61 -0.65
N PHE B 142 24.05 -15.63 -1.18
CA PHE B 142 22.85 -15.58 -0.35
C PHE B 142 22.78 -16.78 0.63
N TYR B 143 23.13 -17.97 0.16
CA TYR B 143 23.06 -19.16 1.01
C TYR B 143 24.05 -19.05 2.16
N GLU B 144 25.18 -18.41 1.89
CA GLU B 144 26.23 -18.25 2.88
C GLU B 144 25.75 -17.33 4.02
N ALA B 145 24.99 -16.30 3.67
CA ALA B 145 24.44 -15.36 4.62
C ALA B 145 23.40 -16.08 5.46
N LEU B 146 22.60 -16.91 4.81
CA LEU B 146 21.62 -17.73 5.51
C LEU B 146 22.30 -18.64 6.51
N ASP B 147 23.47 -19.17 6.12
CA ASP B 147 24.27 -20.04 6.99
C ASP B 147 24.67 -19.32 8.27
N CYS B 148 25.06 -18.05 8.14
CA CYS B 148 25.41 -17.28 9.33
C CYS B 148 24.23 -17.17 10.28
N LEU B 149 23.02 -17.05 9.73
CA LEU B 149 21.81 -16.98 10.56
C LEU B 149 21.25 -18.35 10.96
N ARG B 150 21.90 -19.42 10.50
CA ARG B 150 21.49 -20.81 10.78
C ARG B 150 20.08 -21.13 10.27
N ILE B 151 19.76 -20.57 9.11
CA ILE B 151 18.50 -20.84 8.42
C ILE B 151 18.81 -21.90 7.36
N PRO B 152 18.16 -23.07 7.43
CA PRO B 152 18.46 -24.08 6.40
C PRO B 152 18.10 -23.60 5.00
N ARG B 153 18.81 -24.09 3.99
CA ARG B 153 18.49 -23.76 2.59
C ARG B 153 17.09 -24.26 2.18
N SER B 154 16.67 -25.37 2.77
CA SER B 154 15.34 -25.94 2.53
C SER B 154 14.19 -24.98 2.91
N ASP B 155 14.46 -24.02 3.79
CA ASP B 155 13.45 -23.02 4.17
C ASP B 155 13.25 -21.86 3.16
N VAL B 156 13.99 -21.86 2.06
CA VAL B 156 13.93 -20.72 1.14
C VAL B 156 12.68 -20.76 0.26
N MET B 157 12.07 -19.58 0.08
CA MET B 157 10.95 -19.40 -0.85
C MET B 157 11.47 -18.58 -2.03
N TYR B 158 11.21 -19.07 -3.23
CA TYR B 158 11.78 -18.51 -4.46
C TYR B 158 10.67 -17.93 -5.32
N THR B 159 10.96 -16.83 -6.00
CA THR B 159 10.10 -16.40 -7.08
C THR B 159 10.40 -17.23 -8.32
N ASP B 160 9.41 -17.32 -9.20
CA ASP B 160 9.59 -17.96 -10.49
C ASP B 160 9.23 -16.95 -11.57
N TRP B 161 10.22 -16.48 -12.32
CA TRP B 161 10.02 -15.47 -13.35
C TRP B 161 8.93 -15.77 -14.40
N LYS B 162 8.70 -17.05 -14.69
CA LYS B 162 7.69 -17.41 -15.70
C LYS B 162 6.27 -16.96 -15.30
N LYS B 163 6.05 -16.82 -13.99
CA LYS B 163 4.74 -16.50 -13.43
C LYS B 163 4.38 -15.02 -13.52
N ASP B 164 5.37 -14.17 -13.80
CA ASP B 164 5.18 -12.72 -13.73
C ASP B 164 4.05 -12.25 -14.65
N LYS B 165 3.23 -11.33 -14.16
CA LYS B 165 2.10 -10.81 -14.95
C LYS B 165 2.17 -9.29 -15.10
N CYS B 166 3.32 -8.72 -14.74
CA CYS B 166 3.44 -7.29 -14.54
C CYS B 166 4.14 -6.53 -15.67
N GLU B 167 4.93 -7.23 -16.46
CA GLU B 167 5.63 -6.60 -17.58
C GLU B 167 4.72 -5.75 -18.48
N PRO B 168 3.50 -6.24 -18.80
CA PRO B 168 2.61 -5.42 -19.62
C PRO B 168 2.22 -4.11 -18.93
N LEU B 169 1.87 -4.17 -17.64
CA LEU B 169 1.57 -2.96 -16.88
C LEU B 169 2.78 -2.01 -16.76
N GLU B 170 3.96 -2.58 -16.60
CA GLU B 170 5.22 -1.81 -16.58
C GLU B 170 5.49 -1.06 -17.92
N LYS B 171 5.25 -1.75 -19.04
CA LYS B 171 5.37 -1.12 -20.36
C LYS B 171 4.39 0.06 -20.50
N GLN B 172 3.14 -0.17 -20.11
CA GLN B 172 2.07 0.83 -20.19
C GLN B 172 2.30 2.06 -19.30
N HIS B 173 3.17 1.92 -18.29
CA HIS B 173 3.54 3.06 -17.43
C HIS B 173 4.55 4.01 -18.07
N GLU B 174 5.71 3.51 -18.49
CA GLU B 174 6.68 4.31 -19.24
C GLU B 174 5.97 5.08 -20.35
O1 PG4 C . -11.61 3.46 5.51
C1 PG4 C . -12.21 4.64 4.94
C2 PG4 C . -11.28 5.85 4.88
O2 PG4 C . -10.09 5.65 4.11
C3 PG4 C . -9.74 6.78 3.28
C4 PG4 C . -8.91 6.37 2.04
O3 PG4 C . -9.74 6.38 0.86
C5 PG4 C . -9.42 5.40 -0.12
C6 PG4 C . -10.28 5.62 -1.37
O4 PG4 C . -11.48 4.83 -1.42
C7 PG4 C . -11.24 3.46 -1.77
C8 PG4 C . -12.51 2.62 -1.53
O5 PG4 C . -12.21 1.28 -1.10
O1 PG4 D . 11.84 -3.05 2.86
C1 PG4 D . 12.66 -3.33 1.71
C2 PG4 D . 11.84 -3.05 0.43
O2 PG4 D . 12.08 -4.07 -0.52
C3 PG4 D . 11.23 -3.96 -1.65
C4 PG4 D . 10.00 -4.86 -1.59
O3 PG4 D . 10.15 -6.08 -2.32
C5 PG4 D . 9.08 -6.99 -2.05
C6 PG4 D . 9.68 -8.37 -1.78
O4 PG4 D . 9.40 -8.79 -0.44
C7 PG4 D . 10.30 -9.79 -0.02
C8 PG4 D . 10.54 -9.63 1.48
O5 PG4 D . 9.27 -9.46 2.11
#